data_5YJC
#
_entry.id   5YJC
#
_cell.length_a   61.141
_cell.length_b   85.399
_cell.length_c   124.898
_cell.angle_alpha   90.00
_cell.angle_beta   90.00
_cell.angle_gamma   90.00
#
_symmetry.space_group_name_H-M   'P 21 21 21'
#
loop_
_entity.id
_entity.type
_entity.pdbx_description
1 polymer Csm6
2 water water
#
_entity_poly.entity_id   1
_entity_poly.type   'polypeptide(L)'
_entity_poly.pdbx_seq_one_letter_code
;MGIEYSNPKDKVEEFEIVNEVEKKSEKRCKEINILSFREAMIRSQILGLIDNYDYEGALNLVSNQKSFRNGKLLRKKLLS
LTKQIKTHEVFPEINEKYRDDALKKSLFHYLLLNMRYNRLDVAETLIRVKSIAEFILKTYIEIHWPTLIIEKDGKPYLND
EDNLSFVYKYNLLLEKRKQNFDVSRILGLPAFIDILTILEPNSQLLKEVNAVNDINGLRNSIAHNLDTLNLDKNKNYKKI
MLSVEAIKNMLHISFPEIEEEDYNYFEEKNKEFKELLEHHHHHH
;
_entity_poly.pdbx_strand_id   A,B
#
# COMPACT_ATOMS: atom_id res chain seq x y z
N ILE A 32 16.33 -13.69 -42.07
CA ILE A 32 17.44 -13.67 -41.13
C ILE A 32 17.47 -14.96 -40.30
N ASN A 33 18.54 -15.13 -39.54
CA ASN A 33 18.54 -16.17 -38.55
C ASN A 33 17.37 -16.00 -37.58
N ILE A 34 16.77 -17.13 -37.23
CA ILE A 34 15.56 -17.19 -36.44
C ILE A 34 15.87 -16.56 -35.10
N LEU A 35 17.09 -16.80 -34.63
CA LEU A 35 17.56 -16.22 -33.39
C LEU A 35 17.57 -14.70 -33.49
N SER A 36 17.99 -14.18 -34.64
CA SER A 36 17.97 -12.74 -34.86
C SER A 36 16.55 -12.19 -34.83
N PHE A 37 15.63 -12.91 -35.45
CA PHE A 37 14.23 -12.49 -35.42
C PHE A 37 13.62 -12.49 -34.01
N ARG A 38 13.92 -13.53 -33.25
CA ARG A 38 13.51 -13.65 -31.86
C ARG A 38 14.11 -12.55 -31.01
N GLU A 39 15.39 -12.28 -31.20
CA GLU A 39 16.03 -11.23 -30.41
C GLU A 39 15.40 -9.86 -30.68
N ALA A 40 15.13 -9.54 -31.95
CA ALA A 40 14.54 -8.25 -32.27
C ALA A 40 13.13 -8.12 -31.71
N MET A 41 12.37 -9.21 -31.76
CA MET A 41 11.00 -9.22 -31.24
C MET A 41 11.02 -8.97 -29.74
N ILE A 42 11.87 -9.72 -29.02
CA ILE A 42 11.99 -9.52 -27.58
C ILE A 42 12.47 -8.10 -27.26
N ARG A 43 13.38 -7.60 -28.06
CA ARG A 43 13.88 -6.26 -27.84
C ARG A 43 12.74 -5.24 -27.85
N SER A 44 11.87 -5.30 -28.85
CA SER A 44 10.78 -4.33 -28.94
C SER A 44 9.74 -4.53 -27.83
N GLN A 45 9.46 -5.79 -27.49
CA GLN A 45 8.55 -6.10 -26.37
C GLN A 45 9.04 -5.50 -25.06
N ILE A 46 10.32 -5.70 -24.75
CA ILE A 46 10.89 -5.17 -23.52
C ILE A 46 10.85 -3.66 -23.51
N LEU A 47 11.20 -3.02 -24.63
CA LEU A 47 11.08 -1.56 -24.69
C LEU A 47 9.68 -1.10 -24.33
N GLY A 48 8.65 -1.80 -24.84
CA GLY A 48 7.29 -1.41 -24.48
C GLY A 48 7.01 -1.58 -23.00
N LEU A 49 7.44 -2.71 -22.44
CA LEU A 49 7.21 -2.95 -21.02
C LEU A 49 7.91 -1.90 -20.15
N ILE A 50 9.17 -1.62 -20.45
CA ILE A 50 9.94 -0.60 -19.74
C ILE A 50 9.24 0.74 -19.81
N ASP A 51 8.72 1.08 -21.00
CA ASP A 51 8.02 2.36 -21.14
C ASP A 51 6.83 2.45 -20.21
N ASN A 52 6.23 1.31 -19.85
CA ASN A 52 5.15 1.37 -18.86
C ASN A 52 5.62 1.11 -17.43
N TYR A 53 6.92 1.18 -17.17
CA TYR A 53 7.52 0.99 -15.86
C TYR A 53 7.31 -0.45 -15.34
N ASP A 54 7.12 -1.42 -16.22
CA ASP A 54 6.98 -2.81 -15.81
C ASP A 54 8.34 -3.51 -15.87
N TYR A 55 9.20 -3.17 -14.91
CA TYR A 55 10.54 -3.71 -14.90
C TYR A 55 10.56 -5.20 -14.59
N GLU A 56 9.63 -5.66 -13.76
CA GLU A 56 9.56 -7.06 -13.41
C GLU A 56 9.15 -7.91 -14.61
N GLY A 57 8.18 -7.42 -15.41
CA GLY A 57 7.84 -8.09 -16.65
C GLY A 57 8.98 -8.08 -17.67
N ALA A 58 9.66 -6.94 -17.80
CA ALA A 58 10.83 -6.86 -18.67
C ALA A 58 11.86 -7.90 -18.25
N LEU A 59 12.13 -7.99 -16.95
CA LEU A 59 13.01 -9.02 -16.42
C LEU A 59 12.53 -10.41 -16.83
N ASN A 60 11.23 -10.66 -16.70
CA ASN A 60 10.67 -11.94 -17.07
C ASN A 60 10.96 -12.28 -18.53
N LEU A 61 10.80 -11.31 -19.44
CA LEU A 61 11.03 -11.63 -20.85
C LEU A 61 12.52 -11.85 -21.13
N VAL A 62 13.40 -11.10 -20.48
CA VAL A 62 14.81 -11.25 -20.85
C VAL A 62 15.49 -12.39 -20.10
N SER A 63 14.87 -12.92 -19.04
CA SER A 63 15.53 -13.89 -18.19
C SER A 63 15.79 -15.20 -18.92
N ASN A 64 14.94 -15.55 -19.87
CA ASN A 64 15.03 -16.85 -20.50
C ASN A 64 15.95 -16.83 -21.71
N GLN A 65 16.41 -15.66 -22.11
CA GLN A 65 17.19 -15.51 -23.34
C GLN A 65 18.67 -15.58 -23.04
N LYS A 66 19.32 -16.63 -23.52
CA LYS A 66 20.70 -16.88 -23.15
C LYS A 66 21.64 -15.93 -23.89
N SER A 67 21.54 -15.90 -25.22
CA SER A 67 22.47 -15.16 -26.06
C SER A 67 21.96 -13.75 -26.40
N PHE A 68 21.11 -13.18 -25.56
CA PHE A 68 20.57 -11.86 -25.81
C PHE A 68 21.69 -10.84 -25.57
N ARG A 69 21.90 -9.94 -26.53
CA ARG A 69 22.99 -8.97 -26.42
C ARG A 69 22.83 -8.13 -25.15
N ASN A 70 23.91 -8.02 -24.37
CA ASN A 70 23.92 -7.39 -23.04
C ASN A 70 22.94 -8.05 -22.07
N GLY A 71 22.58 -9.31 -22.32
CA GLY A 71 21.56 -9.97 -21.52
C GLY A 71 21.89 -10.06 -20.05
N LYS A 72 23.16 -10.34 -19.71
CA LYS A 72 23.53 -10.51 -18.31
C LYS A 72 23.43 -9.20 -17.54
N LEU A 73 23.95 -8.14 -18.13
CA LEU A 73 23.90 -6.82 -17.52
C LEU A 73 22.46 -6.34 -17.35
N LEU A 74 21.63 -6.58 -18.37
CA LEU A 74 20.23 -6.22 -18.29
C LEU A 74 19.53 -6.97 -17.17
N ARG A 75 19.79 -8.26 -17.08
CA ARG A 75 19.13 -9.08 -16.09
C ARG A 75 19.51 -8.61 -14.70
N LYS A 76 20.79 -8.30 -14.54
CA LYS A 76 21.28 -7.80 -13.27
C LYS A 76 20.65 -6.47 -12.89
N LYS A 77 20.59 -5.55 -13.85
CA LYS A 77 20.05 -4.23 -13.61
C LYS A 77 18.55 -4.22 -13.31
N LEU A 78 17.80 -4.99 -14.09
CA LEU A 78 16.35 -5.11 -13.92
C LEU A 78 16.01 -5.78 -12.60
N LEU A 79 16.83 -6.78 -12.21
CA LEU A 79 16.60 -7.45 -10.93
C LEU A 79 16.85 -6.51 -9.76
N SER A 80 17.94 -5.73 -9.81
CA SER A 80 18.26 -4.80 -8.73
C SER A 80 17.16 -3.76 -8.55
N LEU A 81 16.69 -3.20 -9.66
CA LEU A 81 15.62 -2.22 -9.60
C LEU A 81 14.34 -2.84 -9.02
N THR A 82 13.98 -4.02 -9.51
CA THR A 82 12.79 -4.74 -9.06
C THR A 82 12.84 -4.99 -7.55
N LYS A 83 13.99 -5.46 -7.06
CA LYS A 83 14.18 -5.71 -5.64
C LYS A 83 14.11 -4.42 -4.82
N GLN A 84 14.71 -3.35 -5.34
CA GLN A 84 14.70 -2.07 -4.63
C GLN A 84 13.28 -1.54 -4.49
N ILE A 85 12.48 -1.66 -5.54
CA ILE A 85 11.07 -1.27 -5.46
C ILE A 85 10.31 -2.11 -4.45
N LYS A 86 10.54 -3.44 -4.48
CA LYS A 86 9.78 -4.36 -3.62
C LYS A 86 10.12 -4.21 -2.15
N THR A 87 11.36 -3.86 -1.80
CA THR A 87 11.75 -3.74 -0.41
C THR A 87 11.88 -2.31 0.08
N HIS A 88 11.60 -1.33 -0.77
CA HIS A 88 11.79 0.08 -0.44
C HIS A 88 13.25 0.36 -0.06
N GLU A 89 14.18 -0.20 -0.83
CA GLU A 89 15.60 0.12 -0.71
C GLU A 89 15.91 1.32 -1.61
N VAL A 90 16.45 2.39 -1.03
CA VAL A 90 16.75 3.58 -1.81
C VAL A 90 17.62 3.24 -3.02
N PHE A 91 17.24 3.74 -4.19
CA PHE A 91 18.01 3.47 -5.40
C PHE A 91 19.46 3.88 -5.21
N PRO A 92 20.43 3.06 -5.66
CA PRO A 92 21.85 3.42 -5.51
C PRO A 92 22.20 4.81 -6.01
N GLU A 93 21.68 5.24 -7.15
CA GLU A 93 22.02 6.55 -7.66
C GLU A 93 21.62 7.63 -6.68
N ILE A 94 20.43 7.53 -6.09
CA ILE A 94 20.00 8.49 -5.08
C ILE A 94 20.94 8.43 -3.88
N ASN A 95 21.23 7.22 -3.41
CA ASN A 95 22.12 7.05 -2.28
C ASN A 95 23.50 7.68 -2.54
N GLU A 96 23.94 7.70 -3.80
CA GLU A 96 25.25 8.24 -4.17
C GLU A 96 25.24 9.75 -4.39
N LYS A 97 24.15 10.29 -4.93
CA LYS A 97 24.08 11.72 -5.22
C LYS A 97 23.79 12.55 -3.97
N TYR A 98 23.09 12.00 -2.99
CA TYR A 98 22.60 12.76 -1.86
C TYR A 98 23.08 12.15 -0.56
N ARG A 99 23.22 13.01 0.43
CA ARG A 99 23.81 12.68 1.73
C ARG A 99 22.79 12.55 2.85
N ASP A 100 21.79 13.42 2.89
CA ASP A 100 20.88 13.45 4.02
C ASP A 100 19.89 12.30 3.96
N ASP A 101 19.77 11.57 5.05
CA ASP A 101 18.91 10.39 5.08
C ASP A 101 17.44 10.75 4.87
N ALA A 102 16.97 11.85 5.46
CA ALA A 102 15.57 12.22 5.30
C ALA A 102 15.27 12.67 3.89
N LEU A 103 16.16 13.46 3.30
CA LEU A 103 16.04 13.81 1.88
C LEU A 103 15.89 12.56 1.04
N LYS A 104 16.79 11.59 1.27
CA LYS A 104 16.82 10.40 0.41
C LYS A 104 15.56 9.57 0.54
N LYS A 105 15.09 9.38 1.78
CA LYS A 105 13.86 8.60 1.98
C LYS A 105 12.66 9.31 1.37
N SER A 106 12.56 10.62 1.59
CA SER A 106 11.45 11.42 1.08
C SER A 106 11.41 11.37 -0.45
N LEU A 107 12.53 11.69 -1.08
CA LEU A 107 12.59 11.70 -2.55
C LEU A 107 12.36 10.29 -3.11
N PHE A 108 12.97 9.28 -2.51
CA PHE A 108 12.76 7.92 -2.98
C PHE A 108 11.29 7.54 -2.92
N HIS A 109 10.63 7.84 -1.81
CA HIS A 109 9.22 7.46 -1.72
C HIS A 109 8.33 8.30 -2.63
N TYR A 110 8.68 9.57 -2.87
CA TYR A 110 7.97 10.31 -3.90
C TYR A 110 8.15 9.66 -5.27
N LEU A 111 9.38 9.24 -5.60
CA LEU A 111 9.60 8.59 -6.88
C LEU A 111 8.74 7.33 -7.01
N LEU A 112 8.68 6.49 -5.96
CA LEU A 112 7.80 5.32 -6.03
C LEU A 112 6.34 5.72 -6.17
N LEU A 113 5.93 6.73 -5.40
CA LEU A 113 4.55 7.20 -5.41
C LEU A 113 4.15 7.63 -6.81
N ASN A 114 4.97 8.49 -7.42
CA ASN A 114 4.67 9.03 -8.73
C ASN A 114 4.75 7.94 -9.79
N MET A 115 5.66 6.96 -9.63
CA MET A 115 5.75 5.90 -10.63
C MET A 115 4.51 5.00 -10.60
N ARG A 116 4.02 4.63 -9.40
CA ARG A 116 2.78 3.87 -9.33
C ARG A 116 1.59 4.69 -9.79
N TYR A 117 1.59 5.98 -9.48
CA TYR A 117 0.49 6.84 -9.95
C TYR A 117 0.49 6.93 -11.47
N ASN A 118 1.68 7.01 -12.08
CA ASN A 118 1.77 7.05 -13.54
C ASN A 118 1.20 5.77 -14.14
N ARG A 119 1.26 4.69 -13.39
CA ARG A 119 0.69 3.42 -13.81
C ARG A 119 -0.82 3.35 -13.47
N LEU A 120 -1.37 4.42 -12.90
CA LEU A 120 -2.78 4.49 -12.54
C LEU A 120 -3.13 3.47 -11.43
N ASP A 121 -2.17 3.17 -10.57
CA ASP A 121 -2.42 2.49 -9.30
C ASP A 121 -2.96 3.52 -8.30
N VAL A 122 -4.20 3.96 -8.53
CA VAL A 122 -4.68 5.18 -7.87
C VAL A 122 -5.07 4.90 -6.42
N ALA A 123 -5.61 3.71 -6.14
CA ALA A 123 -5.94 3.43 -4.74
C ALA A 123 -4.67 3.35 -3.89
N GLU A 124 -3.64 2.67 -4.40
CA GLU A 124 -2.37 2.61 -3.70
C GLU A 124 -1.76 4.01 -3.53
N THR A 125 -1.85 4.84 -4.59
CA THR A 125 -1.33 6.21 -4.50
C THR A 125 -1.99 6.96 -3.36
N LEU A 126 -3.32 6.87 -3.32
CA LEU A 126 -4.10 7.53 -2.29
C LEU A 126 -3.67 7.12 -0.89
N ILE A 127 -3.38 5.83 -0.70
CA ILE A 127 -2.98 5.38 0.63
C ILE A 127 -1.57 5.88 0.99
N ARG A 128 -0.61 5.81 0.05
CA ARG A 128 0.78 6.10 0.42
C ARG A 128 1.09 7.59 0.60
N VAL A 129 0.31 8.48 -0.06
CA VAL A 129 0.68 9.89 -0.10
C VAL A 129 0.71 10.50 1.31
N LYS A 130 -0.23 10.08 2.16
CA LYS A 130 -0.34 10.69 3.48
C LYS A 130 0.91 10.44 4.31
N SER A 131 1.40 9.20 4.29
CA SER A 131 2.58 8.84 5.08
C SER A 131 3.81 9.59 4.61
N ILE A 132 3.94 9.83 3.31
CA ILE A 132 5.10 10.62 2.90
C ILE A 132 5.01 12.05 3.44
N ALA A 133 3.83 12.67 3.30
CA ALA A 133 3.66 14.03 3.83
C ALA A 133 3.94 14.09 5.34
N GLU A 134 3.44 13.10 6.09
CA GLU A 134 3.70 13.05 7.52
C GLU A 134 5.20 12.98 7.79
N PHE A 135 5.93 12.15 7.03
CA PHE A 135 7.37 12.04 7.26
C PHE A 135 8.06 13.39 7.03
N ILE A 136 7.67 14.10 5.99
CA ILE A 136 8.31 15.39 5.69
C ILE A 136 8.06 16.40 6.83
N LEU A 137 6.80 16.50 7.27
CA LEU A 137 6.52 17.46 8.35
C LEU A 137 7.21 17.06 9.64
N LYS A 138 7.13 15.78 10.00
CA LYS A 138 7.78 15.33 11.22
C LYS A 138 9.27 15.64 11.21
N THR A 139 9.94 15.37 10.08
CA THR A 139 11.36 15.68 9.97
C THR A 139 11.63 17.15 10.25
N TYR A 140 10.83 18.02 9.63
CA TYR A 140 10.98 19.46 9.83
C TYR A 140 10.77 19.85 11.30
N ILE A 141 9.70 19.34 11.91
CA ILE A 141 9.40 19.67 13.30
C ILE A 141 10.51 19.21 14.22
N GLU A 142 11.03 18.00 14.00
CA GLU A 142 12.08 17.49 14.86
C GLU A 142 13.37 18.30 14.74
N ILE A 143 13.61 18.97 13.62
CA ILE A 143 14.75 19.88 13.56
C ILE A 143 14.46 21.17 14.31
N HIS A 144 13.33 21.80 14.02
CA HIS A 144 13.12 23.17 14.50
C HIS A 144 12.57 23.26 15.91
N TRP A 145 11.91 22.22 16.42
CA TRP A 145 11.47 22.19 17.81
C TRP A 145 11.80 20.79 18.33
N PRO A 146 13.07 20.54 18.61
CA PRO A 146 13.52 19.15 18.87
C PRO A 146 12.91 18.51 20.11
N THR A 147 12.46 19.29 21.10
CA THR A 147 11.90 18.71 22.32
C THR A 147 10.39 18.51 22.24
N LEU A 148 9.76 18.97 21.17
CA LEU A 148 8.31 18.93 21.10
C LEU A 148 7.79 17.51 20.94
N ILE A 149 8.43 16.71 20.11
CA ILE A 149 8.02 15.33 19.87
C ILE A 149 8.93 14.41 20.65
N ILE A 150 8.35 13.43 21.34
CA ILE A 150 9.12 12.34 21.94
C ILE A 150 8.79 11.08 21.16
N GLU A 151 9.82 10.35 20.80
CA GLU A 151 9.72 9.15 20.01
C GLU A 151 9.77 7.97 20.96
N LYS A 152 8.71 7.17 20.99
CA LYS A 152 8.65 6.00 21.83
C LYS A 152 8.43 4.80 20.92
N ASP A 153 9.39 3.88 20.92
CA ASP A 153 9.31 2.69 20.10
C ASP A 153 9.11 3.06 18.63
N GLY A 154 9.84 4.09 18.17
CA GLY A 154 9.72 4.53 16.81
C GLY A 154 8.44 5.26 16.43
N LYS A 155 7.64 5.68 17.40
CA LYS A 155 6.39 6.36 17.08
C LYS A 155 6.38 7.74 17.72
N PRO A 156 5.82 8.73 17.05
CA PRO A 156 5.81 10.09 17.59
C PRO A 156 4.66 10.42 18.52
N TYR A 157 4.99 11.06 19.63
CA TYR A 157 4.01 11.47 20.62
C TYR A 157 4.36 12.87 21.10
N LEU A 158 3.35 13.64 21.47
CA LEU A 158 3.61 14.97 21.99
C LEU A 158 4.28 14.87 23.35
N ASN A 159 5.45 15.49 23.50
CA ASN A 159 6.13 15.56 24.79
C ASN A 159 5.46 16.66 25.63
N ASP A 160 4.34 16.31 26.28
CA ASP A 160 3.59 17.34 26.98
C ASP A 160 4.28 17.86 28.24
N GLU A 161 5.31 17.17 28.73
CA GLU A 161 5.88 17.58 30.00
C GLU A 161 6.82 18.77 29.84
N ASP A 162 7.62 18.78 28.77
CA ASP A 162 8.58 19.84 28.50
C ASP A 162 8.02 21.06 27.79
N ASN A 163 6.80 21.00 27.26
CA ASN A 163 6.37 22.11 26.40
C ASN A 163 5.00 22.63 26.81
N LEU A 164 4.87 23.05 28.07
CA LEU A 164 3.54 23.40 28.59
C LEU A 164 2.90 24.57 27.84
N SER A 165 3.69 25.56 27.42
CA SER A 165 3.12 26.66 26.67
C SER A 165 2.50 26.18 25.35
N PHE A 166 3.21 25.28 24.65
CA PHE A 166 2.63 24.74 23.43
C PHE A 166 1.39 23.93 23.75
N VAL A 167 1.47 23.05 24.75
CA VAL A 167 0.32 22.21 25.10
C VAL A 167 -0.91 23.06 25.40
N TYR A 168 -0.71 24.18 26.07
CA TYR A 168 -1.83 25.08 26.35
C TYR A 168 -2.47 25.58 25.06
N LYS A 169 -1.65 26.06 24.13
CA LYS A 169 -2.22 26.52 22.85
C LYS A 169 -2.87 25.39 22.05
N TYR A 170 -2.26 24.21 22.05
CA TYR A 170 -2.80 23.08 21.31
C TYR A 170 -4.15 22.65 21.88
N ASN A 171 -4.23 22.56 23.21
CA ASN A 171 -5.49 22.26 23.87
C ASN A 171 -6.56 23.29 23.53
N LEU A 172 -6.21 24.58 23.57
CA LEU A 172 -7.20 25.57 23.16
C LEU A 172 -7.68 25.32 21.74
N LEU A 173 -6.76 24.97 20.83
CA LEU A 173 -7.14 24.74 19.44
C LEU A 173 -8.10 23.56 19.32
N LEU A 174 -7.79 22.45 19.99
CA LEU A 174 -8.68 21.30 19.96
C LEU A 174 -10.02 21.59 20.61
N GLU A 175 -9.97 22.24 21.77
CA GLU A 175 -11.16 22.65 22.51
C GLU A 175 -12.11 23.48 21.65
N LYS A 176 -11.58 24.36 20.79
CA LYS A 176 -12.47 25.05 19.87
C LYS A 176 -13.17 24.10 18.89
N ARG A 177 -12.59 22.93 18.61
CA ARG A 177 -13.18 22.00 17.66
C ARG A 177 -14.00 20.93 18.34
N LYS A 178 -14.30 21.11 19.64
CA LYS A 178 -15.07 20.14 20.40
C LYS A 178 -14.37 18.79 20.39
N GLN A 179 -13.04 18.83 20.37
CA GLN A 179 -12.20 17.65 20.43
C GLN A 179 -11.37 17.75 21.69
N ASN A 180 -11.10 16.63 22.33
CA ASN A 180 -10.32 16.74 23.56
C ASN A 180 -8.89 16.31 23.32
N PHE A 181 -7.99 16.96 24.07
CA PHE A 181 -6.58 16.65 23.98
C PHE A 181 -6.28 15.31 24.64
N ASP A 182 -5.50 14.49 23.95
CA ASP A 182 -5.20 13.13 24.40
C ASP A 182 -3.71 12.88 24.14
N VAL A 183 -2.92 12.92 25.21
CA VAL A 183 -1.47 12.76 25.10
C VAL A 183 -1.09 11.36 24.65
N SER A 184 -1.97 10.36 24.80
CA SER A 184 -1.57 9.01 24.44
C SER A 184 -1.67 8.75 22.94
N ARG A 185 -2.19 9.69 22.16
CA ARG A 185 -2.38 9.45 20.73
C ARG A 185 -1.07 9.62 19.98
N ILE A 186 -0.82 8.71 19.03
CA ILE A 186 0.27 8.88 18.10
C ILE A 186 -0.01 10.11 17.25
N LEU A 187 1.03 10.91 17.00
CA LEU A 187 0.86 12.10 16.19
C LEU A 187 0.84 11.72 14.71
N GLY A 188 -0.18 12.18 13.99
CA GLY A 188 -0.27 12.01 12.55
C GLY A 188 -0.37 13.35 11.83
N LEU A 189 -0.77 13.32 10.56
CA LEU A 189 -0.82 14.54 9.76
C LEU A 189 -1.66 15.65 10.42
N PRO A 190 -2.88 15.41 10.92
CA PRO A 190 -3.61 16.53 11.55
C PRO A 190 -2.85 17.17 12.70
N ALA A 191 -2.19 16.35 13.53
CA ALA A 191 -1.41 16.90 14.63
C ALA A 191 -0.21 17.70 14.12
N PHE A 192 0.52 17.18 13.11
CA PHE A 192 1.64 17.92 12.56
C PHE A 192 1.18 19.27 11.99
N ILE A 193 0.03 19.26 11.32
CA ILE A 193 -0.53 20.49 10.78
C ILE A 193 -0.87 21.48 11.90
N ASP A 194 -1.45 20.99 13.00
CA ASP A 194 -1.76 21.87 14.13
C ASP A 194 -0.49 22.42 14.78
N ILE A 195 0.53 21.56 14.92
CA ILE A 195 1.81 22.01 15.47
C ILE A 195 2.34 23.18 14.65
N LEU A 196 2.34 23.05 13.32
CA LEU A 196 2.87 24.12 12.48
C LEU A 196 1.96 25.34 12.51
N THR A 197 0.65 25.14 12.53
CA THR A 197 -0.27 26.27 12.63
C THR A 197 0.02 27.09 13.87
N ILE A 198 0.30 26.43 14.99
CA ILE A 198 0.59 27.17 16.22
C ILE A 198 1.99 27.76 16.17
N LEU A 199 2.98 26.97 15.81
CA LEU A 199 4.35 27.43 15.95
C LEU A 199 4.88 28.22 14.75
N GLU A 200 4.32 28.02 13.56
CA GLU A 200 4.85 28.70 12.38
C GLU A 200 3.73 28.82 11.37
N PRO A 201 2.82 29.75 11.62
CA PRO A 201 1.64 29.86 10.74
C PRO A 201 1.97 30.36 9.34
N ASN A 202 3.11 30.99 9.13
CA ASN A 202 3.54 31.46 7.80
C ASN A 202 4.17 30.36 6.93
N SER A 203 4.13 29.09 7.36
CA SER A 203 4.88 28.04 6.69
C SER A 203 4.43 27.84 5.23
N GLN A 204 5.40 27.73 4.33
CA GLN A 204 5.07 27.30 2.98
C GLN A 204 4.66 25.82 2.98
N LEU A 205 5.29 25.03 3.84
CA LEU A 205 4.92 23.62 4.01
C LEU A 205 3.47 23.49 4.43
N LEU A 206 3.02 24.37 5.32
CA LEU A 206 1.65 24.29 5.78
C LEU A 206 0.67 24.61 4.66
N LYS A 207 1.05 25.49 3.74
CA LYS A 207 0.17 25.75 2.61
C LYS A 207 0.12 24.56 1.68
N GLU A 208 1.27 23.94 1.42
CA GLU A 208 1.30 22.83 0.47
C GLU A 208 0.59 21.60 1.00
N VAL A 209 0.75 21.30 2.28
CA VAL A 209 0.24 20.03 2.82
C VAL A 209 -1.28 19.98 2.90
N ASN A 210 -1.96 21.13 2.74
CA ASN A 210 -3.43 21.14 2.82
C ASN A 210 -4.06 20.22 1.80
N ALA A 211 -3.47 20.14 0.60
CA ALA A 211 -3.99 19.25 -0.43
C ALA A 211 -3.89 17.79 -0.01
N VAL A 212 -2.91 17.46 0.83
CA VAL A 212 -2.82 16.10 1.36
C VAL A 212 -3.85 15.89 2.45
N ASN A 213 -4.01 16.88 3.34
CA ASN A 213 -5.05 16.78 4.36
C ASN A 213 -6.43 16.58 3.73
N ASP A 214 -6.64 17.16 2.54
CA ASP A 214 -7.93 17.10 1.86
C ASP A 214 -8.36 15.71 1.43
N ILE A 215 -7.43 14.77 1.26
CA ILE A 215 -7.81 13.41 0.89
C ILE A 215 -7.89 12.50 2.13
N ASN A 216 -7.91 13.07 3.33
CA ASN A 216 -7.83 12.24 4.54
C ASN A 216 -9.04 11.32 4.66
N GLY A 217 -10.26 11.85 4.50
CA GLY A 217 -11.45 11.00 4.64
C GLY A 217 -11.59 9.95 3.53
N LEU A 218 -11.26 10.34 2.29
CA LEU A 218 -11.24 9.38 1.19
C LEU A 218 -10.26 8.26 1.46
N ARG A 219 -9.06 8.64 1.89
CA ARG A 219 -8.04 7.66 2.23
C ARG A 219 -8.52 6.71 3.33
N ASN A 220 -9.17 7.26 4.35
CA ASN A 220 -9.75 6.41 5.39
C ASN A 220 -10.71 5.39 4.80
N SER A 221 -11.56 5.85 3.88
CA SER A 221 -12.52 4.96 3.24
C SER A 221 -11.83 3.81 2.50
N ILE A 222 -10.73 4.10 1.79
CA ILE A 222 -10.07 3.08 0.98
C ILE A 222 -9.19 2.18 1.83
N ALA A 223 -8.37 2.79 2.69
CA ALA A 223 -7.32 2.08 3.46
C ALA A 223 -7.88 1.32 4.66
N HIS A 224 -8.86 1.89 5.36
CA HIS A 224 -9.33 1.29 6.60
C HIS A 224 -10.70 0.63 6.46
N ASN A 225 -11.55 1.15 5.59
CA ASN A 225 -12.85 0.54 5.37
C ASN A 225 -12.87 -0.34 4.12
N LEU A 226 -11.76 -0.43 3.40
CA LEU A 226 -11.61 -1.35 2.28
C LEU A 226 -12.60 -1.06 1.15
N ASP A 227 -12.96 0.22 0.97
CA ASP A 227 -13.92 0.58 -0.06
C ASP A 227 -13.26 0.62 -1.44
N THR A 228 -14.10 0.52 -2.47
CA THR A 228 -13.65 0.70 -3.85
C THR A 228 -13.41 2.19 -4.09
N LEU A 229 -12.33 2.53 -4.78
CA LEU A 229 -12.05 3.90 -5.16
C LEU A 229 -12.77 4.22 -6.46
N ASN A 230 -13.72 5.13 -6.37
CA ASN A 230 -14.48 5.66 -7.50
C ASN A 230 -13.84 6.99 -7.92
N LEU A 231 -13.00 6.99 -8.97
CA LEU A 231 -12.28 8.23 -9.30
C LEU A 231 -13.22 9.34 -9.76
N ASP A 232 -14.30 9.01 -10.46
CA ASP A 232 -15.19 10.04 -11.00
C ASP A 232 -16.14 10.66 -9.97
N LYS A 233 -16.17 10.19 -8.74
CA LYS A 233 -17.08 10.80 -7.79
C LYS A 233 -16.34 11.93 -7.08
N ASN A 234 -17.07 13.04 -6.86
CA ASN A 234 -16.57 14.17 -6.09
C ASN A 234 -15.21 14.66 -6.61
N LYS A 235 -14.91 14.44 -7.89
CA LYS A 235 -13.63 14.91 -8.45
C LYS A 235 -12.44 14.30 -7.70
N ASN A 236 -12.59 13.06 -7.28
CA ASN A 236 -11.53 12.36 -6.56
C ASN A 236 -10.22 12.41 -7.34
N TYR A 237 -10.31 12.26 -8.67
CA TYR A 237 -9.13 12.28 -9.50
C TYR A 237 -8.32 13.56 -9.30
N LYS A 238 -9.02 14.69 -9.25
CA LYS A 238 -8.35 15.97 -9.03
C LYS A 238 -7.69 16.00 -7.67
N LYS A 239 -8.44 15.58 -6.65
CA LYS A 239 -7.90 15.62 -5.28
C LYS A 239 -6.63 14.80 -5.21
N ILE A 240 -6.65 13.61 -5.83
CA ILE A 240 -5.49 12.73 -5.75
C ILE A 240 -4.31 13.35 -6.50
N MET A 241 -4.57 13.91 -7.70
CA MET A 241 -3.47 14.55 -8.42
C MET A 241 -2.85 15.65 -7.56
N LEU A 242 -3.70 16.45 -6.92
CA LEU A 242 -3.18 17.59 -6.15
C LEU A 242 -2.40 17.11 -4.96
N SER A 243 -2.76 15.97 -4.37
CA SER A 243 -2.00 15.47 -3.24
C SER A 243 -0.61 15.02 -3.68
N VAL A 244 -0.50 14.42 -4.87
CA VAL A 244 0.83 13.99 -5.34
C VAL A 244 1.70 15.20 -5.66
N GLU A 245 1.14 16.18 -6.38
CA GLU A 245 1.89 17.41 -6.60
C GLU A 245 2.28 18.07 -5.29
N ALA A 246 1.44 17.95 -4.25
CA ALA A 246 1.79 18.56 -2.99
C ALA A 246 3.11 18.00 -2.48
N ILE A 247 3.30 16.67 -2.58
CA ILE A 247 4.55 16.08 -2.11
C ILE A 247 5.73 16.71 -2.86
N LYS A 248 5.62 16.80 -4.19
CA LYS A 248 6.71 17.38 -4.94
C LYS A 248 7.00 18.81 -4.48
N ASN A 249 5.94 19.61 -4.21
CA ASN A 249 6.18 20.98 -3.78
C ASN A 249 6.88 20.99 -2.44
N MET A 250 6.42 20.10 -1.52
CA MET A 250 7.03 20.04 -0.19
C MET A 250 8.51 19.66 -0.28
N LEU A 251 8.86 18.74 -1.21
CA LEU A 251 10.26 18.38 -1.36
C LEU A 251 11.07 19.58 -1.81
N HIS A 252 10.54 20.36 -2.77
CA HIS A 252 11.26 21.56 -3.21
C HIS A 252 11.48 22.52 -2.06
N ILE A 253 10.53 22.58 -1.13
CA ILE A 253 10.67 23.50 0.00
C ILE A 253 11.71 22.98 0.97
N SER A 254 11.65 21.68 1.30
CA SER A 254 12.50 21.17 2.37
C SER A 254 13.89 20.85 1.85
N PHE A 255 14.00 20.40 0.61
CA PHE A 255 15.28 19.92 0.08
C PHE A 255 15.53 20.60 -1.27
N PRO A 256 15.79 21.90 -1.25
CA PRO A 256 16.00 22.64 -2.51
C PRO A 256 17.20 22.17 -3.31
N GLU A 257 18.12 21.45 -2.67
CA GLU A 257 19.30 20.97 -3.34
C GLU A 257 19.04 19.77 -4.24
N ILE A 258 17.84 19.18 -4.23
CA ILE A 258 17.57 18.07 -5.14
C ILE A 258 17.56 18.61 -6.56
N GLU A 259 18.39 18.01 -7.42
CA GLU A 259 18.43 18.45 -8.82
C GLU A 259 17.14 18.04 -9.54
N GLU A 260 16.64 18.94 -10.40
CA GLU A 260 15.31 18.71 -11.00
C GLU A 260 15.23 17.38 -11.76
N GLU A 261 16.29 17.01 -12.48
CA GLU A 261 16.21 15.75 -13.22
C GLU A 261 16.01 14.54 -12.29
N ASP A 262 16.42 14.63 -11.03
CA ASP A 262 16.24 13.50 -10.13
C ASP A 262 14.79 13.27 -9.73
N TYR A 263 13.90 14.24 -9.94
CA TYR A 263 12.48 13.96 -9.77
C TYR A 263 11.93 13.05 -10.87
N ASN A 264 12.72 12.78 -11.89
CA ASN A 264 12.38 12.00 -13.07
C ASN A 264 13.31 10.79 -13.22
N TYR A 265 13.70 10.20 -12.08
CA TYR A 265 14.59 9.05 -12.02
C TYR A 265 14.28 7.97 -13.07
N PHE A 266 13.02 7.55 -13.15
CA PHE A 266 12.70 6.43 -14.01
C PHE A 266 12.97 6.78 -15.47
N GLU A 267 12.70 8.02 -15.87
CA GLU A 267 13.05 8.43 -17.23
C GLU A 267 14.54 8.23 -17.47
N GLU A 268 15.36 8.72 -16.54
CA GLU A 268 16.80 8.52 -16.62
C GLU A 268 17.12 7.04 -16.66
N LYS A 269 16.50 6.27 -15.77
CA LYS A 269 16.82 4.86 -15.75
C LYS A 269 16.42 4.22 -17.07
N ASN A 270 15.27 4.63 -17.63
CA ASN A 270 14.89 3.98 -18.88
C ASN A 270 15.90 4.32 -19.96
N LYS A 271 16.46 5.54 -19.93
CA LYS A 271 17.49 5.88 -20.90
C LYS A 271 18.62 4.87 -20.85
N GLU A 272 19.09 4.55 -19.64
CA GLU A 272 20.17 3.58 -19.50
C GLU A 272 19.74 2.24 -20.08
N PHE A 273 18.52 1.78 -19.76
CA PHE A 273 18.14 0.48 -20.29
C PHE A 273 18.10 0.52 -21.79
N LYS A 274 17.65 1.65 -22.37
CA LYS A 274 17.56 1.73 -23.81
C LYS A 274 18.95 1.61 -24.44
N GLU A 275 19.96 2.15 -23.78
CA GLU A 275 21.30 2.04 -24.34
C GLU A 275 21.81 0.62 -24.30
N LEU A 276 21.40 -0.16 -23.28
CA LEU A 276 21.79 -1.56 -23.24
C LEU A 276 21.05 -2.37 -24.29
N LEU A 277 19.84 -1.97 -24.63
CA LEU A 277 19.04 -2.70 -25.60
C LEU A 277 19.31 -2.26 -27.05
N GLU A 278 20.36 -1.51 -27.32
CA GLU A 278 20.51 -1.03 -28.69
C GLU A 278 21.50 -1.92 -29.44
N GLU B 31 6.09 -15.85 -44.51
CA GLU B 31 4.78 -15.21 -44.65
C GLU B 31 3.88 -15.55 -43.46
N ILE B 32 3.40 -16.78 -43.43
CA ILE B 32 2.61 -17.27 -42.30
C ILE B 32 3.46 -17.98 -41.26
N ASN B 33 4.63 -18.51 -41.65
CA ASN B 33 5.53 -19.12 -40.68
C ASN B 33 5.97 -18.10 -39.65
N ILE B 34 6.26 -16.88 -40.10
CA ILE B 34 6.71 -15.83 -39.19
C ILE B 34 5.63 -15.51 -38.17
N LEU B 35 4.40 -15.26 -38.64
CA LEU B 35 3.29 -14.98 -37.74
C LEU B 35 3.03 -16.15 -36.78
N SER B 36 3.15 -17.40 -37.25
CA SER B 36 2.97 -18.55 -36.36
C SER B 36 4.01 -18.56 -35.26
N PHE B 37 5.28 -18.29 -35.61
CA PHE B 37 6.33 -18.23 -34.61
C PHE B 37 6.09 -17.10 -33.60
N ARG B 38 5.79 -15.92 -34.09
CA ARG B 38 5.53 -14.77 -33.24
C ARG B 38 4.41 -15.06 -32.24
N GLU B 39 3.32 -15.64 -32.74
CA GLU B 39 2.14 -15.92 -31.95
C GLU B 39 2.40 -17.01 -30.91
N ALA B 40 3.12 -18.07 -31.28
CA ALA B 40 3.43 -19.12 -30.31
C ALA B 40 4.34 -18.61 -29.21
N MET B 41 5.30 -17.78 -29.61
CA MET B 41 6.22 -17.19 -28.64
C MET B 41 5.52 -16.24 -27.68
N ILE B 42 4.61 -15.41 -28.21
CA ILE B 42 3.82 -14.52 -27.35
C ILE B 42 2.98 -15.33 -26.38
N ARG B 43 2.42 -16.43 -26.84
CA ARG B 43 1.64 -17.31 -25.99
C ARG B 43 2.46 -17.79 -24.79
N SER B 44 3.69 -18.27 -25.03
CA SER B 44 4.50 -18.72 -23.88
C SER B 44 4.89 -17.55 -22.98
N GLN B 45 5.20 -16.39 -23.57
CA GLN B 45 5.56 -15.21 -22.77
C GLN B 45 4.43 -14.80 -21.85
N ILE B 46 3.21 -14.75 -22.39
CA ILE B 46 2.06 -14.38 -21.59
C ILE B 46 1.86 -15.38 -20.47
N LEU B 47 2.02 -16.69 -20.76
CA LEU B 47 2.01 -17.69 -19.70
C LEU B 47 2.98 -17.37 -18.57
N GLY B 48 4.22 -16.98 -18.89
CA GLY B 48 5.15 -16.65 -17.82
C GLY B 48 4.69 -15.45 -17.00
N LEU B 49 4.22 -14.40 -17.69
CA LEU B 49 3.78 -13.18 -17.02
C LEU B 49 2.57 -13.45 -16.14
N ILE B 50 1.58 -14.15 -16.67
CA ILE B 50 0.39 -14.54 -15.91
C ILE B 50 0.80 -15.34 -14.69
N ASP B 51 1.77 -16.25 -14.85
CA ASP B 51 2.24 -16.99 -13.69
C ASP B 51 2.77 -16.07 -12.61
N ASN B 52 3.33 -14.91 -12.97
CA ASN B 52 3.77 -13.96 -11.95
C ASN B 52 2.75 -12.86 -11.65
N TYR B 53 1.50 -13.04 -12.05
CA TYR B 53 0.40 -12.09 -11.80
C TYR B 53 0.64 -10.76 -12.49
N ASP B 54 1.42 -10.74 -13.55
CA ASP B 54 1.65 -9.50 -14.28
C ASP B 54 0.66 -9.39 -15.44
N TYR B 55 -0.58 -9.09 -15.06
CA TYR B 55 -1.68 -9.03 -16.02
C TYR B 55 -1.57 -7.84 -16.94
N GLU B 56 -1.04 -6.72 -16.43
CA GLU B 56 -0.90 -5.55 -17.26
C GLU B 56 0.19 -5.77 -18.31
N GLY B 57 1.28 -6.43 -17.94
CA GLY B 57 2.28 -6.79 -18.94
C GLY B 57 1.75 -7.75 -19.99
N ALA B 58 0.98 -8.77 -19.56
CA ALA B 58 0.37 -9.69 -20.53
C ALA B 58 -0.51 -8.94 -21.51
N LEU B 59 -1.34 -8.03 -21.00
CA LEU B 59 -2.15 -7.19 -21.87
C LEU B 59 -1.28 -6.41 -22.85
N ASN B 60 -0.17 -5.86 -22.35
CA ASN B 60 0.75 -5.13 -23.22
C ASN B 60 1.23 -6.00 -24.39
N LEU B 61 1.60 -7.27 -24.11
CA LEU B 61 2.10 -8.12 -25.19
C LEU B 61 1.02 -8.48 -26.20
N VAL B 62 -0.23 -8.64 -25.76
CA VAL B 62 -1.27 -9.08 -26.71
C VAL B 62 -2.04 -7.95 -27.37
N SER B 63 -1.90 -6.71 -26.91
CA SER B 63 -2.86 -5.67 -27.30
C SER B 63 -2.83 -5.32 -28.79
N ASN B 64 -1.67 -5.37 -29.43
CA ASN B 64 -1.55 -4.94 -30.82
C ASN B 64 -1.58 -6.12 -31.79
N GLN B 65 -1.87 -7.33 -31.32
CA GLN B 65 -1.81 -8.54 -32.14
C GLN B 65 -3.15 -8.74 -32.85
N LYS B 66 -3.12 -8.79 -34.19
CA LYS B 66 -4.38 -8.73 -34.94
C LYS B 66 -5.19 -10.03 -34.91
N SER B 67 -4.66 -11.13 -35.44
CA SER B 67 -5.50 -12.32 -35.61
C SER B 67 -5.32 -13.36 -34.51
N PHE B 68 -4.89 -12.94 -33.33
CA PHE B 68 -4.55 -13.86 -32.25
C PHE B 68 -5.78 -14.52 -31.64
N ARG B 69 -5.74 -15.85 -31.59
CA ARG B 69 -6.88 -16.66 -31.16
C ARG B 69 -7.30 -16.31 -29.74
N ASN B 70 -8.61 -16.07 -29.57
CA ASN B 70 -9.22 -15.58 -28.33
C ASN B 70 -8.66 -14.23 -27.90
N GLY B 71 -8.08 -13.46 -28.83
CA GLY B 71 -7.44 -12.20 -28.45
C GLY B 71 -8.39 -11.20 -27.83
N LYS B 72 -9.61 -11.10 -28.36
CA LYS B 72 -10.55 -10.09 -27.86
C LYS B 72 -11.01 -10.42 -26.46
N LEU B 73 -11.34 -11.69 -26.21
CA LEU B 73 -11.76 -12.11 -24.88
C LEU B 73 -10.60 -12.03 -23.90
N LEU B 74 -9.42 -12.40 -24.35
CA LEU B 74 -8.24 -12.31 -23.50
C LEU B 74 -7.98 -10.86 -23.09
N ARG B 75 -8.06 -9.94 -24.06
CA ARG B 75 -7.84 -8.53 -23.76
C ARG B 75 -8.89 -8.00 -22.79
N LYS B 76 -10.16 -8.33 -23.02
CA LYS B 76 -11.22 -7.88 -22.11
C LYS B 76 -10.98 -8.37 -20.68
N LYS B 77 -10.61 -9.65 -20.53
CA LYS B 77 -10.49 -10.21 -19.18
C LYS B 77 -9.24 -9.67 -18.46
N LEU B 78 -8.13 -9.52 -19.19
CA LEU B 78 -6.93 -8.95 -18.59
C LEU B 78 -7.15 -7.49 -18.19
N LEU B 79 -7.88 -6.75 -19.01
CA LEU B 79 -8.12 -5.35 -18.71
C LEU B 79 -9.04 -5.19 -17.50
N SER B 80 -10.17 -5.91 -17.48
CA SER B 80 -11.07 -5.76 -16.33
C SER B 80 -10.36 -6.20 -15.05
N LEU B 81 -9.58 -7.28 -15.10
CA LEU B 81 -8.83 -7.70 -13.91
C LEU B 81 -7.84 -6.63 -13.44
N THR B 82 -7.06 -6.05 -14.37
CA THR B 82 -6.11 -5.03 -13.95
C THR B 82 -6.81 -3.83 -13.32
N LYS B 83 -7.93 -3.41 -13.92
CA LYS B 83 -8.71 -2.31 -13.39
C LYS B 83 -9.29 -2.59 -12.01
N GLN B 84 -9.79 -3.81 -11.81
CA GLN B 84 -10.32 -4.19 -10.50
C GLN B 84 -9.23 -4.15 -9.44
N ILE B 85 -8.03 -4.62 -9.77
CA ILE B 85 -6.92 -4.54 -8.81
C ILE B 85 -6.55 -3.09 -8.52
N LYS B 86 -6.46 -2.25 -9.56
CA LYS B 86 -5.98 -0.88 -9.36
C LYS B 86 -6.98 -0.03 -8.56
N THR B 87 -8.28 -0.28 -8.71
CA THR B 87 -9.27 0.55 -8.02
C THR B 87 -9.86 -0.14 -6.79
N HIS B 88 -9.39 -1.32 -6.44
CA HIS B 88 -9.95 -2.10 -5.32
C HIS B 88 -11.44 -2.38 -5.51
N GLU B 89 -11.83 -2.71 -6.74
CA GLU B 89 -13.18 -3.20 -7.01
C GLU B 89 -13.24 -4.71 -6.86
N VAL B 90 -14.13 -5.19 -5.98
CA VAL B 90 -14.30 -6.61 -5.72
C VAL B 90 -14.59 -7.35 -7.03
N PHE B 91 -13.90 -8.48 -7.22
CA PHE B 91 -14.03 -9.25 -8.46
C PHE B 91 -15.49 -9.61 -8.72
N PRO B 92 -15.98 -9.49 -9.96
CA PRO B 92 -17.39 -9.78 -10.25
C PRO B 92 -17.87 -11.13 -9.77
N GLU B 93 -17.06 -12.19 -9.92
CA GLU B 93 -17.50 -13.52 -9.47
C GLU B 93 -17.83 -13.52 -7.98
N ILE B 94 -16.96 -12.89 -7.18
CA ILE B 94 -17.18 -12.76 -5.74
C ILE B 94 -18.41 -11.90 -5.47
N ASN B 95 -18.49 -10.75 -6.15
CA ASN B 95 -19.57 -9.81 -5.90
C ASN B 95 -20.92 -10.44 -6.19
N GLU B 96 -20.97 -11.36 -7.15
CA GLU B 96 -22.21 -12.03 -7.54
C GLU B 96 -22.54 -13.21 -6.63
N LYS B 97 -21.53 -13.88 -6.08
CA LYS B 97 -21.80 -15.06 -5.28
C LYS B 97 -22.28 -14.75 -3.85
N TYR B 98 -21.86 -13.63 -3.26
CA TYR B 98 -22.04 -13.38 -1.85
C TYR B 98 -22.77 -12.06 -1.63
N ARG B 99 -23.52 -11.98 -0.54
CA ARG B 99 -24.33 -10.81 -0.23
C ARG B 99 -23.67 -9.89 0.79
N ASP B 100 -22.97 -10.45 1.78
CA ASP B 100 -22.45 -9.63 2.87
C ASP B 100 -21.28 -8.78 2.38
N ASP B 101 -21.40 -7.46 2.54
CA ASP B 101 -20.38 -6.56 2.01
C ASP B 101 -19.05 -6.74 2.74
N ALA B 102 -19.10 -6.98 4.05
CA ALA B 102 -17.88 -7.15 4.82
C ALA B 102 -17.15 -8.45 4.46
N LEU B 103 -17.88 -9.53 4.24
CA LEU B 103 -17.28 -10.74 3.69
C LEU B 103 -16.54 -10.44 2.40
N LYS B 104 -17.21 -9.77 1.46
CA LYS B 104 -16.64 -9.60 0.14
C LYS B 104 -15.38 -8.76 0.20
N LYS B 105 -15.42 -7.67 0.97
CA LYS B 105 -14.24 -6.82 1.09
C LYS B 105 -13.08 -7.53 1.77
N SER B 106 -13.38 -8.29 2.85
CA SER B 106 -12.33 -9.02 3.57
C SER B 106 -11.67 -10.06 2.66
N LEU B 107 -12.50 -10.85 1.99
CA LEU B 107 -11.97 -11.88 1.10
C LEU B 107 -11.19 -11.26 -0.05
N PHE B 108 -11.73 -10.22 -0.66
CA PHE B 108 -11.08 -9.57 -1.79
C PHE B 108 -9.70 -9.04 -1.42
N HIS B 109 -9.60 -8.34 -0.28
CA HIS B 109 -8.32 -7.79 0.14
C HIS B 109 -7.35 -8.87 0.60
N TYR B 110 -7.86 -9.97 1.17
CA TYR B 110 -7.00 -11.13 1.37
C TYR B 110 -6.45 -11.65 0.04
N LEU B 111 -7.30 -11.74 -0.98
CA LEU B 111 -6.84 -12.25 -2.26
C LEU B 111 -5.72 -11.37 -2.81
N LEU B 112 -5.89 -10.06 -2.74
CA LEU B 112 -4.82 -9.17 -3.19
C LEU B 112 -3.57 -9.33 -2.34
N LEU B 113 -3.76 -9.45 -1.02
CA LEU B 113 -2.63 -9.56 -0.09
C LEU B 113 -1.78 -10.77 -0.39
N ASN B 114 -2.43 -11.92 -0.53
CA ASN B 114 -1.74 -13.18 -0.84
C ASN B 114 -1.10 -13.14 -2.21
N MET B 115 -1.72 -12.46 -3.16
CA MET B 115 -1.10 -12.31 -4.48
C MET B 115 0.17 -11.49 -4.39
N ARG B 116 0.16 -10.41 -3.57
CA ARG B 116 1.37 -9.61 -3.39
C ARG B 116 2.46 -10.40 -2.69
N TYR B 117 2.09 -11.17 -1.68
CA TYR B 117 3.08 -12.02 -1.03
C TYR B 117 3.68 -13.03 -2.00
N ASN B 118 2.83 -13.67 -2.81
CA ASN B 118 3.31 -14.71 -3.71
C ASN B 118 4.29 -14.16 -4.75
N ARG B 119 4.21 -12.86 -5.03
CA ARG B 119 5.14 -12.27 -5.99
C ARG B 119 6.25 -11.52 -5.26
N LEU B 120 6.27 -11.63 -3.93
CA LEU B 120 7.29 -11.01 -3.09
C LEU B 120 7.25 -9.48 -3.17
N ASP B 121 6.07 -8.89 -3.37
CA ASP B 121 5.86 -7.45 -3.10
C ASP B 121 5.74 -7.29 -1.58
N VAL B 122 6.89 -7.43 -0.90
CA VAL B 122 6.87 -7.69 0.53
C VAL B 122 6.59 -6.44 1.34
N ALA B 123 7.07 -5.26 0.90
CA ALA B 123 6.74 -4.04 1.64
C ALA B 123 5.25 -3.76 1.59
N GLU B 124 4.65 -3.93 0.41
CA GLU B 124 3.22 -3.74 0.26
C GLU B 124 2.42 -4.72 1.13
N THR B 125 2.84 -6.00 1.14
CA THR B 125 2.19 -7.01 1.97
C THR B 125 2.21 -6.61 3.45
N LEU B 126 3.42 -6.27 3.92
CA LEU B 126 3.60 -5.88 5.31
C LEU B 126 2.70 -4.71 5.68
N ILE B 127 2.56 -3.75 4.78
CA ILE B 127 1.77 -2.57 5.13
C ILE B 127 0.29 -2.90 5.20
N ARG B 128 -0.22 -3.72 4.27
CA ARG B 128 -1.67 -3.94 4.18
C ARG B 128 -2.22 -4.89 5.24
N VAL B 129 -1.38 -5.78 5.76
CA VAL B 129 -1.93 -6.88 6.57
C VAL B 129 -2.66 -6.33 7.80
N LYS B 130 -2.11 -5.29 8.44
CA LYS B 130 -2.72 -4.79 9.68
C LYS B 130 -4.11 -4.23 9.45
N SER B 131 -4.29 -3.45 8.38
CA SER B 131 -5.60 -2.88 8.12
C SER B 131 -6.62 -3.97 7.82
N ILE B 132 -6.20 -5.06 7.15
CA ILE B 132 -7.15 -6.13 6.92
C ILE B 132 -7.54 -6.79 8.23
N ALA B 133 -6.56 -7.08 9.09
CA ALA B 133 -6.88 -7.69 10.39
C ALA B 133 -7.84 -6.82 11.19
N GLU B 134 -7.58 -5.51 11.22
CA GLU B 134 -8.44 -4.58 11.94
C GLU B 134 -9.87 -4.64 11.39
N PHE B 135 -9.98 -4.63 10.06
CA PHE B 135 -11.29 -4.68 9.42
C PHE B 135 -12.05 -5.95 9.79
N ILE B 136 -11.38 -7.09 9.74
CA ILE B 136 -12.04 -8.35 10.09
C ILE B 136 -12.53 -8.33 11.54
N LEU B 137 -11.67 -7.90 12.48
CA LEU B 137 -12.11 -7.89 13.87
C LEU B 137 -13.27 -6.93 14.10
N LYS B 138 -13.18 -5.72 13.52
CA LYS B 138 -14.25 -4.76 13.67
C LYS B 138 -15.55 -5.32 13.16
N THR B 139 -15.51 -5.87 11.95
CA THR B 139 -16.66 -6.48 11.29
C THR B 139 -17.26 -7.60 12.13
N TYR B 140 -16.39 -8.46 12.67
CA TYR B 140 -16.83 -9.57 13.50
C TYR B 140 -17.58 -9.08 14.73
N ILE B 141 -17.02 -8.08 15.40
CA ILE B 141 -17.65 -7.51 16.59
C ILE B 141 -19.02 -6.93 16.22
N GLU B 142 -19.07 -6.16 15.13
CA GLU B 142 -20.30 -5.49 14.73
C GLU B 142 -21.38 -6.49 14.33
N ILE B 143 -20.99 -7.65 13.80
CA ILE B 143 -21.97 -8.67 13.46
C ILE B 143 -22.51 -9.33 14.73
N HIS B 144 -21.62 -9.72 15.64
CA HIS B 144 -22.05 -10.54 16.77
C HIS B 144 -22.53 -9.73 17.98
N TRP B 145 -22.15 -8.47 18.11
CA TRP B 145 -22.66 -7.60 19.18
C TRP B 145 -22.98 -6.25 18.56
N PRO B 146 -24.05 -6.19 17.77
CA PRO B 146 -24.39 -4.93 17.14
C PRO B 146 -24.78 -3.96 18.24
N THR B 147 -24.65 -2.68 17.97
CA THR B 147 -24.86 -1.59 18.92
C THR B 147 -23.66 -1.43 19.87
N LEU B 148 -22.71 -2.36 19.93
CA LEU B 148 -21.55 -2.14 20.80
C LEU B 148 -20.64 -1.06 20.21
N ILE B 149 -20.41 -1.12 18.91
CA ILE B 149 -19.61 -0.16 18.16
C ILE B 149 -20.53 0.67 17.27
N ILE B 150 -20.25 1.97 17.18
CA ILE B 150 -20.90 2.85 16.21
C ILE B 150 -19.87 3.42 15.24
N GLU B 151 -20.33 3.63 14.02
CA GLU B 151 -19.50 4.19 12.96
C GLU B 151 -19.89 5.65 12.82
N LYS B 152 -18.94 6.55 13.02
CA LYS B 152 -19.16 7.99 12.83
C LYS B 152 -18.14 8.54 11.84
N ASP B 153 -18.62 9.07 10.72
CA ASP B 153 -17.75 9.68 9.72
C ASP B 153 -16.68 8.68 9.25
N GLY B 154 -17.11 7.44 9.03
CA GLY B 154 -16.24 6.36 8.59
C GLY B 154 -15.29 5.83 9.63
N LYS B 155 -15.44 6.21 10.90
CA LYS B 155 -14.50 5.71 11.89
C LYS B 155 -15.23 5.03 13.03
N PRO B 156 -14.60 4.01 13.61
CA PRO B 156 -15.23 3.23 14.68
C PRO B 156 -15.00 3.77 16.09
N TYR B 157 -16.06 3.73 16.88
CA TYR B 157 -16.01 4.18 18.26
C TYR B 157 -16.97 3.37 19.09
N LEU B 158 -16.67 3.27 20.38
CA LEU B 158 -17.62 2.65 21.29
C LEU B 158 -18.93 3.43 21.25
N ASN B 159 -20.03 2.73 21.18
CA ASN B 159 -21.34 3.36 21.29
C ASN B 159 -21.51 3.94 22.70
N ASP B 160 -21.75 5.25 22.79
CA ASP B 160 -21.81 5.86 24.12
C ASP B 160 -23.01 5.38 24.91
N GLU B 161 -23.91 4.66 24.28
CA GLU B 161 -25.02 4.03 24.97
C GLU B 161 -24.65 2.67 25.55
N ASP B 162 -23.36 2.28 25.51
CA ASP B 162 -23.00 0.96 26.01
C ASP B 162 -23.10 0.91 27.53
N ASN B 163 -23.42 -0.29 28.03
CA ASN B 163 -23.73 -0.53 29.43
C ASN B 163 -22.46 -0.43 30.28
N LEU B 164 -22.60 0.08 31.51
CA LEU B 164 -21.44 0.15 32.40
C LEU B 164 -20.87 -1.23 32.68
N SER B 165 -21.69 -2.29 32.61
CA SER B 165 -21.13 -3.62 32.81
C SER B 165 -20.03 -3.90 31.80
N PHE B 166 -20.25 -3.54 30.54
CA PHE B 166 -19.18 -3.71 29.56
C PHE B 166 -18.05 -2.71 29.77
N VAL B 167 -18.39 -1.43 29.91
CA VAL B 167 -17.37 -0.39 29.98
C VAL B 167 -16.47 -0.60 31.17
N TYR B 168 -17.00 -1.10 32.28
CA TYR B 168 -16.16 -1.33 33.46
C TYR B 168 -15.04 -2.33 33.16
N LYS B 169 -15.40 -3.47 32.55
CA LYS B 169 -14.41 -4.47 32.19
C LYS B 169 -13.42 -3.91 31.19
N TYR B 170 -13.92 -3.11 30.24
CA TYR B 170 -13.03 -2.52 29.26
C TYR B 170 -12.05 -1.55 29.92
N ASN B 171 -12.54 -0.75 30.87
CA ASN B 171 -11.69 0.16 31.63
C ASN B 171 -10.57 -0.61 32.31
N LEU B 172 -10.92 -1.74 32.92
CA LEU B 172 -9.91 -2.56 33.59
C LEU B 172 -8.85 -3.04 32.60
N LEU B 173 -9.27 -3.44 31.39
CA LEU B 173 -8.28 -3.86 30.40
C LEU B 173 -7.40 -2.71 29.96
N LEU B 174 -7.99 -1.52 29.82
CA LEU B 174 -7.20 -0.35 29.42
C LEU B 174 -6.13 -0.06 30.46
N GLU B 175 -6.52 -0.14 31.72
CA GLU B 175 -5.64 0.03 32.87
C GLU B 175 -4.44 -0.94 32.82
N LYS B 176 -4.66 -2.19 32.40
CA LYS B 176 -3.53 -3.12 32.22
C LYS B 176 -2.58 -2.63 31.14
N ARG B 177 -3.09 -1.82 30.22
CA ARG B 177 -2.39 -1.33 29.06
C ARG B 177 -1.87 0.08 29.30
N LYS B 178 -1.98 0.57 30.55
CA LYS B 178 -1.57 1.92 30.95
C LYS B 178 -2.29 3.02 30.16
N GLN B 179 -3.56 2.78 29.86
CA GLN B 179 -4.42 3.79 29.23
C GLN B 179 -5.66 4.07 30.07
N ASN B 180 -6.20 5.27 29.87
CA ASN B 180 -7.38 5.80 30.53
C ASN B 180 -8.58 5.66 29.59
N PHE B 181 -9.77 5.58 30.18
CA PHE B 181 -10.98 5.45 29.35
C PHE B 181 -11.44 6.79 28.79
N ASP B 182 -11.73 6.80 27.48
CA ASP B 182 -12.22 7.98 26.78
C ASP B 182 -13.25 7.50 25.76
N VAL B 183 -14.53 7.76 26.01
CA VAL B 183 -15.56 7.18 25.15
C VAL B 183 -15.49 7.75 23.75
N SER B 184 -14.87 8.91 23.58
CA SER B 184 -14.79 9.55 22.28
C SER B 184 -13.59 9.08 21.44
N ARG B 185 -12.74 8.19 21.96
CA ARG B 185 -11.52 7.78 21.26
C ARG B 185 -11.84 6.84 20.11
N ILE B 186 -11.15 7.05 18.97
CA ILE B 186 -11.28 6.12 17.86
C ILE B 186 -10.78 4.73 18.24
N LEU B 187 -11.53 3.70 17.87
CA LEU B 187 -11.14 2.32 18.17
C LEU B 187 -10.12 1.80 17.15
N GLY B 188 -9.00 1.29 17.65
CA GLY B 188 -8.05 0.63 16.77
C GLY B 188 -7.82 -0.83 17.13
N LEU B 189 -6.78 -1.43 16.57
CA LEU B 189 -6.53 -2.85 16.80
C LEU B 189 -6.45 -3.22 18.27
N PRO B 190 -5.70 -2.49 19.14
CA PRO B 190 -5.71 -2.86 20.56
C PRO B 190 -7.10 -2.86 21.18
N ALA B 191 -7.92 -1.88 20.82
CA ALA B 191 -9.29 -1.83 21.36
C ALA B 191 -10.11 -3.04 20.90
N PHE B 192 -10.02 -3.39 19.60
CA PHE B 192 -10.78 -4.56 19.11
C PHE B 192 -10.36 -5.82 19.85
N ILE B 193 -9.06 -5.97 20.06
CA ILE B 193 -8.57 -7.12 20.82
C ILE B 193 -9.13 -7.13 22.23
N ASP B 194 -9.16 -5.97 22.90
CA ASP B 194 -9.73 -5.93 24.24
C ASP B 194 -11.22 -6.22 24.24
N ILE B 195 -11.96 -5.62 23.33
CA ILE B 195 -13.41 -5.84 23.24
C ILE B 195 -13.70 -7.33 23.07
N LEU B 196 -12.96 -7.98 22.16
CA LEU B 196 -13.17 -9.39 21.93
C LEU B 196 -12.75 -10.20 23.15
N THR B 197 -11.67 -9.80 23.80
CA THR B 197 -11.23 -10.46 25.02
C THR B 197 -12.33 -10.48 26.08
N ILE B 198 -13.10 -9.38 26.16
CA ILE B 198 -14.21 -9.33 27.11
C ILE B 198 -15.38 -10.18 26.62
N LEU B 199 -15.72 -10.06 25.35
CA LEU B 199 -16.97 -10.65 24.87
C LEU B 199 -16.84 -12.12 24.48
N GLU B 200 -15.66 -12.58 24.09
CA GLU B 200 -15.44 -13.95 23.63
C GLU B 200 -13.99 -14.32 23.87
N PRO B 201 -13.59 -14.50 25.13
CA PRO B 201 -12.16 -14.68 25.41
C PRO B 201 -11.58 -15.96 24.80
N ASN B 202 -12.40 -16.95 24.46
CA ASN B 202 -11.92 -18.16 23.81
C ASN B 202 -11.83 -18.04 22.30
N SER B 203 -12.06 -16.85 21.73
CA SER B 203 -12.10 -16.74 20.28
C SER B 203 -10.72 -17.07 19.71
N GLN B 204 -10.69 -17.92 18.67
CA GLN B 204 -9.44 -18.21 17.98
C GLN B 204 -8.91 -16.97 17.26
N LEU B 205 -9.79 -16.01 16.94
CA LEU B 205 -9.33 -14.74 16.39
C LEU B 205 -8.26 -14.10 17.27
N LEU B 206 -8.40 -14.23 18.60
CA LEU B 206 -7.47 -13.62 19.55
C LEU B 206 -6.09 -14.26 19.48
N LYS B 207 -6.00 -15.53 19.11
CA LYS B 207 -4.71 -16.18 18.88
C LYS B 207 -4.15 -15.88 17.49
N GLU B 208 -5.01 -15.88 16.46
CA GLU B 208 -4.53 -15.62 15.11
C GLU B 208 -3.95 -14.21 15.00
N VAL B 209 -4.52 -13.24 15.73
CA VAL B 209 -4.08 -11.86 15.58
C VAL B 209 -2.65 -11.66 16.10
N ASN B 210 -2.13 -12.60 16.89
CA ASN B 210 -0.77 -12.43 17.40
C ASN B 210 0.25 -12.37 16.27
N ALA B 211 0.05 -13.14 15.20
CA ALA B 211 0.98 -13.07 14.08
C ALA B 211 0.93 -11.70 13.40
N VAL B 212 -0.19 -11.01 13.49
CA VAL B 212 -0.28 -9.67 12.95
C VAL B 212 0.42 -8.69 13.89
N ASN B 213 0.21 -8.83 15.21
CA ASN B 213 0.92 -7.98 16.15
C ASN B 213 2.44 -8.13 16.05
N ASP B 214 2.93 -9.34 15.73
CA ASP B 214 4.37 -9.56 15.65
C ASP B 214 5.06 -8.74 14.56
N ILE B 215 4.34 -8.29 13.53
CA ILE B 215 4.96 -7.42 12.54
C ILE B 215 4.61 -5.94 12.75
N ASN B 216 4.06 -5.56 13.92
CA ASN B 216 3.60 -4.18 14.10
C ASN B 216 4.75 -3.17 14.05
N GLY B 217 5.84 -3.43 14.78
CA GLY B 217 6.95 -2.49 14.79
C GLY B 217 7.66 -2.42 13.45
N LEU B 218 7.81 -3.57 12.79
CA LEU B 218 8.37 -3.58 11.44
C LEU B 218 7.52 -2.75 10.49
N ARG B 219 6.21 -2.94 10.55
CA ARG B 219 5.27 -2.18 9.71
C ARG B 219 5.38 -0.69 9.99
N ASN B 220 5.46 -0.30 11.26
CA ASN B 220 5.66 1.11 11.59
C ASN B 220 6.93 1.64 10.94
N SER B 221 8.00 0.86 11.06
CA SER B 221 9.29 1.24 10.48
C SER B 221 9.19 1.48 8.98
N ILE B 222 8.47 0.61 8.27
CA ILE B 222 8.40 0.70 6.80
C ILE B 222 7.39 1.74 6.36
N ALA B 223 6.18 1.70 6.95
CA ALA B 223 5.07 2.53 6.52
C ALA B 223 5.23 3.97 6.98
N HIS B 224 5.74 4.18 8.20
CA HIS B 224 5.75 5.54 8.72
C HIS B 224 7.13 6.16 8.79
N ASN B 225 8.17 5.36 9.03
CA ASN B 225 9.52 5.92 9.06
C ASN B 225 10.23 5.75 7.73
N LEU B 226 9.57 5.13 6.76
CA LEU B 226 10.07 5.02 5.39
C LEU B 226 11.39 4.25 5.32
N ASP B 227 11.58 3.28 6.22
CA ASP B 227 12.79 2.47 6.27
C ASP B 227 12.75 1.36 5.21
N THR B 228 13.92 0.82 4.90
CA THR B 228 14.01 -0.36 4.02
C THR B 228 13.58 -1.62 4.74
N LEU B 229 12.86 -2.50 4.04
CA LEU B 229 12.48 -3.80 4.57
C LEU B 229 13.61 -4.80 4.28
N ASN B 230 14.29 -5.25 5.33
CA ASN B 230 15.38 -6.23 5.20
C ASN B 230 14.81 -7.59 5.53
N LEU B 231 14.44 -8.34 4.49
CA LEU B 231 13.82 -9.64 4.68
C LEU B 231 14.76 -10.61 5.37
N ASP B 232 16.06 -10.47 5.13
CA ASP B 232 17.07 -11.36 5.69
C ASP B 232 17.41 -11.04 7.14
N LYS B 233 16.81 -10.02 7.73
CA LYS B 233 16.98 -9.75 9.16
C LYS B 233 15.75 -10.14 9.97
N ASN B 234 15.98 -10.49 11.23
CA ASN B 234 14.92 -10.64 12.24
C ASN B 234 13.83 -11.64 11.84
N LYS B 235 14.16 -12.64 11.03
CA LYS B 235 13.19 -13.68 10.63
C LYS B 235 12.01 -13.06 9.88
N ASN B 236 12.28 -11.98 9.12
CA ASN B 236 11.20 -11.23 8.47
C ASN B 236 10.51 -12.02 7.35
N TYR B 237 11.23 -12.84 6.57
CA TYR B 237 10.54 -13.67 5.57
C TYR B 237 9.40 -14.44 6.23
N LYS B 238 9.75 -15.12 7.32
CA LYS B 238 8.81 -15.97 8.05
C LYS B 238 7.70 -15.16 8.69
N LYS B 239 8.04 -14.08 9.40
CA LYS B 239 7.00 -13.29 10.07
C LYS B 239 5.99 -12.76 9.06
N ILE B 240 6.47 -12.28 7.91
CA ILE B 240 5.51 -11.74 6.97
C ILE B 240 4.60 -12.84 6.44
N MET B 241 5.19 -13.99 6.07
CA MET B 241 4.39 -15.13 5.61
C MET B 241 3.32 -15.50 6.64
N LEU B 242 3.72 -15.56 7.91
CA LEU B 242 2.79 -15.99 8.95
C LEU B 242 1.67 -14.97 9.16
N SER B 243 1.95 -13.68 8.93
CA SER B 243 0.88 -12.69 9.08
C SER B 243 -0.17 -12.87 7.99
N VAL B 244 0.28 -13.21 6.76
CA VAL B 244 -0.69 -13.45 5.68
C VAL B 244 -1.54 -14.70 5.97
N GLU B 245 -0.88 -15.78 6.40
CA GLU B 245 -1.64 -16.98 6.78
C GLU B 245 -2.61 -16.67 7.92
N ALA B 246 -2.23 -15.77 8.82
CA ALA B 246 -3.12 -15.38 9.91
C ALA B 246 -4.40 -14.77 9.35
N ILE B 247 -4.28 -13.88 8.35
CA ILE B 247 -5.50 -13.33 7.74
C ILE B 247 -6.39 -14.45 7.18
N LYS B 248 -5.79 -15.39 6.44
CA LYS B 248 -6.62 -16.48 5.89
C LYS B 248 -7.34 -17.24 7.01
N ASN B 249 -6.64 -17.53 8.10
CA ASN B 249 -7.29 -18.24 9.21
C ASN B 249 -8.43 -17.41 9.82
N MET B 250 -8.19 -16.08 9.98
CA MET B 250 -9.24 -15.20 10.52
C MET B 250 -10.47 -15.19 9.62
N LEU B 251 -10.26 -15.25 8.31
CA LEU B 251 -11.39 -15.32 7.38
C LEU B 251 -12.17 -16.61 7.55
N HIS B 252 -11.47 -17.75 7.69
CA HIS B 252 -12.20 -18.99 7.90
C HIS B 252 -13.03 -18.94 9.17
N ILE B 253 -12.52 -18.27 10.21
CA ILE B 253 -13.24 -18.19 11.48
C ILE B 253 -14.44 -17.27 11.35
N SER B 254 -14.23 -16.11 10.74
CA SER B 254 -15.25 -15.08 10.75
C SER B 254 -16.32 -15.30 9.70
N PHE B 255 -15.94 -15.86 8.55
CA PHE B 255 -16.85 -16.05 7.42
C PHE B 255 -16.72 -17.49 6.96
N PRO B 256 -17.24 -18.44 7.74
CA PRO B 256 -17.17 -19.84 7.32
C PRO B 256 -17.97 -20.12 6.05
N GLU B 257 -18.88 -19.23 5.68
CA GLU B 257 -19.66 -19.45 4.47
C GLU B 257 -18.87 -19.20 3.19
N ILE B 258 -17.65 -18.66 3.27
CA ILE B 258 -16.84 -18.50 2.06
C ILE B 258 -16.46 -19.88 1.54
N GLU B 259 -16.79 -20.15 0.28
CA GLU B 259 -16.41 -21.41 -0.33
C GLU B 259 -14.91 -21.47 -0.57
N GLU B 260 -14.34 -22.65 -0.30
CA GLU B 260 -12.89 -22.79 -0.31
C GLU B 260 -12.28 -22.42 -1.66
N GLU B 261 -12.96 -22.72 -2.78
CA GLU B 261 -12.40 -22.41 -4.09
C GLU B 261 -12.21 -20.91 -4.29
N ASP B 262 -12.99 -20.07 -3.59
CA ASP B 262 -12.83 -18.63 -3.76
C ASP B 262 -11.56 -18.11 -3.10
N TYR B 263 -10.96 -18.86 -2.18
CA TYR B 263 -9.64 -18.47 -1.72
C TYR B 263 -8.59 -18.65 -2.80
N ASN B 264 -8.89 -19.33 -3.90
CA ASN B 264 -7.90 -19.59 -4.93
C ASN B 264 -8.24 -18.88 -6.23
N TYR B 265 -8.88 -17.71 -6.10
CA TYR B 265 -9.31 -16.92 -7.25
C TYR B 265 -8.23 -16.80 -8.30
N PHE B 266 -7.04 -16.35 -7.91
CA PHE B 266 -6.03 -16.08 -8.93
C PHE B 266 -5.60 -17.35 -9.65
N GLU B 267 -5.46 -18.45 -8.91
CA GLU B 267 -5.11 -19.71 -9.57
C GLU B 267 -6.18 -20.09 -10.57
N GLU B 268 -7.44 -20.01 -10.14
CA GLU B 268 -8.53 -20.33 -11.06
C GLU B 268 -8.48 -19.40 -12.26
N LYS B 269 -8.25 -18.11 -12.02
CA LYS B 269 -8.22 -17.20 -13.14
C LYS B 269 -7.08 -17.56 -14.08
N ASN B 270 -5.92 -17.94 -13.54
CA ASN B 270 -4.81 -18.26 -14.43
C ASN B 270 -5.14 -19.51 -15.23
N LYS B 271 -5.81 -20.48 -14.61
CA LYS B 271 -6.27 -21.65 -15.36
C LYS B 271 -7.14 -21.22 -16.54
N GLU B 272 -8.10 -20.33 -16.28
CA GLU B 272 -8.97 -19.86 -17.35
C GLU B 272 -8.13 -19.24 -18.45
N PHE B 273 -7.14 -18.42 -18.08
CA PHE B 273 -6.32 -17.79 -19.11
C PHE B 273 -5.58 -18.85 -19.92
N LYS B 274 -5.06 -19.89 -19.26
CA LYS B 274 -4.34 -20.91 -19.99
C LYS B 274 -5.25 -21.61 -20.99
N GLU B 275 -6.52 -21.78 -20.65
CA GLU B 275 -7.40 -22.44 -21.60
C GLU B 275 -7.63 -21.57 -22.83
N LEU B 276 -7.60 -20.25 -22.66
CA LEU B 276 -7.78 -19.35 -23.79
C LEU B 276 -6.56 -19.36 -24.71
N LEU B 277 -5.38 -19.61 -24.16
CA LEU B 277 -4.13 -19.58 -24.92
C LEU B 277 -3.76 -20.91 -25.57
#